data_1S7P
#
_entry.id   1S7P
#
loop_
_entity.id
_entity.type
_entity.pdbx_description
1 polymer 'microcin J25'
2 polymer 'microcin J25'
#
loop_
_entity_poly.entity_id
_entity_poly.type
_entity_poly.pdbx_seq_one_letter_code
_entity_poly.pdbx_strand_id
1 'polypeptide(L)' VGIGTPISFYG B
2 'polypeptide(L)' GGAGHVPEYF A
#
# COMPACT_ATOMS: atom_id res chain seq x y z
N VAL A 1 -7.10 -5.36 -3.91
CA VAL A 1 -8.05 -5.79 -2.86
C VAL A 1 -7.34 -6.67 -1.84
N GLY A 2 -6.21 -6.17 -1.33
CA GLY A 2 -5.42 -6.91 -0.37
C GLY A 2 -4.70 -8.09 -1.00
N ILE A 3 -5.46 -9.10 -1.37
CA ILE A 3 -4.90 -10.28 -2.01
C ILE A 3 -4.43 -9.96 -3.42
N GLY A 4 -3.22 -10.39 -3.76
CA GLY A 4 -2.67 -10.11 -5.07
C GLY A 4 -2.53 -8.63 -5.34
N THR A 5 -2.23 -7.88 -4.30
CA THR A 5 -2.09 -6.44 -4.40
C THR A 5 -0.75 -6.02 -3.80
N PRO A 6 0.03 -5.20 -4.53
CA PRO A 6 1.34 -4.71 -4.07
C PRO A 6 1.23 -3.68 -2.95
N ILE A 7 0.64 -4.08 -1.83
CA ILE A 7 0.48 -3.19 -0.68
C ILE A 7 1.84 -2.73 -0.18
N SER A 8 1.91 -1.48 0.22
CA SER A 8 3.14 -0.88 0.71
C SER A 8 2.82 0.36 1.52
N PHE A 9 3.81 1.24 1.70
CA PHE A 9 3.60 2.47 2.47
C PHE A 9 4.12 3.69 1.71
N TYR A 10 3.76 4.86 2.22
CA TYR A 10 4.18 6.12 1.63
C TYR A 10 4.20 7.21 2.69
N GLY A 11 4.88 8.29 2.37
CA GLY A 11 4.98 9.41 3.30
C GLY A 11 5.59 9.01 4.62
N GLY B 1 3.00 2.33 -2.15
CA GLY B 1 3.92 2.74 -3.19
C GLY B 1 5.32 2.23 -2.96
N GLY B 2 5.72 2.21 -1.69
CA GLY B 2 7.05 1.74 -1.33
C GLY B 2 7.28 1.82 0.15
N ALA B 3 8.36 2.47 0.53
CA ALA B 3 8.70 2.66 1.92
C ALA B 3 8.13 3.99 2.41
N GLY B 4 7.49 3.98 3.57
CA GLY B 4 6.92 5.20 4.09
C GLY B 4 6.29 5.00 5.46
N HIS B 5 5.15 5.64 5.69
CA HIS B 5 4.47 5.53 6.98
C HIS B 5 3.00 5.15 6.79
N VAL B 6 2.34 5.79 5.85
CA VAL B 6 0.93 5.52 5.58
C VAL B 6 0.81 4.37 4.59
N PRO B 7 0.05 3.32 4.93
CA PRO B 7 -0.13 2.15 4.07
C PRO B 7 -0.98 2.45 2.84
N GLU B 8 -0.40 2.24 1.67
CA GLU B 8 -1.09 2.45 0.40
C GLU B 8 -1.73 1.15 -0.06
N TYR B 9 -2.67 0.66 0.74
CA TYR B 9 -3.37 -0.58 0.44
C TYR B 9 -4.49 -0.34 -0.58
N PHE B 10 -4.67 -1.31 -1.46
CA PHE B 10 -5.70 -1.24 -2.50
C PHE B 10 -6.25 -2.63 -2.75
N VAL A 1 -5.49 -7.01 0.66
CA VAL A 1 -4.09 -6.86 0.21
C VAL A 1 -3.69 -8.04 -0.67
N GLY A 2 -3.03 -7.74 -1.79
CA GLY A 2 -2.62 -8.76 -2.73
C GLY A 2 -3.79 -9.22 -3.59
N ILE A 3 -4.81 -9.75 -2.94
CA ILE A 3 -6.00 -10.20 -3.63
C ILE A 3 -7.05 -9.09 -3.60
N GLY A 4 -7.55 -8.72 -4.77
CA GLY A 4 -8.54 -7.67 -4.86
C GLY A 4 -7.96 -6.29 -4.71
N THR A 5 -7.43 -6.01 -3.53
CA THR A 5 -6.81 -4.73 -3.26
C THR A 5 -5.30 -4.82 -3.39
N PRO A 6 -4.67 -3.85 -4.07
CA PRO A 6 -3.23 -3.82 -4.29
C PRO A 6 -2.43 -3.43 -3.04
N ILE A 7 -1.49 -2.49 -3.21
CA ILE A 7 -0.65 -2.03 -2.11
C ILE A 7 0.04 -0.74 -2.51
N SER A 8 0.38 0.08 -1.53
CA SER A 8 1.05 1.34 -1.77
C SER A 8 1.78 1.80 -0.51
N PHE A 9 2.28 3.04 -0.53
CA PHE A 9 3.01 3.59 0.61
C PHE A 9 2.61 5.03 0.88
N TYR A 10 3.11 5.58 1.98
CA TYR A 10 2.84 6.96 2.36
C TYR A 10 3.95 7.47 3.25
N GLY A 11 4.01 8.78 3.39
CA GLY A 11 5.03 9.40 4.21
C GLY A 11 6.43 9.08 3.74
N GLY B 1 -1.52 4.40 0.06
CA GLY B 1 -2.20 5.53 -0.52
C GLY B 1 -1.58 5.94 -1.84
N GLY B 2 -0.25 5.87 -1.89
CA GLY B 2 0.47 6.24 -3.10
C GLY B 2 1.94 5.99 -2.95
N ALA B 3 2.72 7.01 -3.25
CA ALA B 3 4.17 6.93 -3.12
C ALA B 3 4.60 7.45 -1.76
N GLY B 4 5.48 6.73 -1.08
CA GLY B 4 5.92 7.15 0.22
C GLY B 4 6.98 6.24 0.80
N HIS B 5 6.90 5.98 2.09
CA HIS B 5 7.87 5.11 2.76
C HIS B 5 7.17 4.03 3.56
N VAL B 6 6.15 4.40 4.31
CA VAL B 6 5.40 3.44 5.12
C VAL B 6 4.33 2.76 4.28
N PRO B 7 4.35 1.42 4.23
CA PRO B 7 3.38 0.66 3.44
C PRO B 7 1.95 0.74 3.98
N GLU B 8 1.04 1.17 3.13
CA GLU B 8 -0.37 1.29 3.49
C GLU B 8 -1.16 0.16 2.85
N TYR B 9 -0.77 -1.06 3.17
CA TYR B 9 -1.43 -2.25 2.62
C TYR B 9 -2.70 -2.57 3.39
N PHE B 10 -3.68 -3.10 2.67
CA PHE B 10 -4.95 -3.47 3.24
C PHE B 10 -5.64 -4.48 2.32
N VAL A 1 -4.84 -8.70 3.11
CA VAL A 1 -4.06 -8.92 1.87
C VAL A 1 -4.85 -9.79 0.89
N GLY A 2 -4.86 -9.38 -0.37
CA GLY A 2 -5.57 -10.10 -1.39
C GLY A 2 -5.36 -9.47 -2.75
N ILE A 3 -5.22 -10.32 -3.76
CA ILE A 3 -5.00 -9.84 -5.13
C ILE A 3 -6.22 -9.07 -5.62
N GLY A 4 -6.06 -7.77 -5.77
CA GLY A 4 -7.15 -6.94 -6.24
C GLY A 4 -7.09 -5.55 -5.63
N THR A 5 -6.73 -5.50 -4.36
CA THR A 5 -6.61 -4.23 -3.66
C THR A 5 -5.33 -3.51 -4.03
N PRO A 6 -5.43 -2.26 -4.51
CA PRO A 6 -4.27 -1.46 -4.90
C PRO A 6 -3.40 -1.08 -3.70
N ILE A 7 -2.16 -1.55 -3.71
CA ILE A 7 -1.24 -1.26 -2.62
C ILE A 7 -0.69 0.16 -2.75
N SER A 8 -0.39 0.77 -1.62
CA SER A 8 0.13 2.12 -1.60
C SER A 8 0.94 2.37 -0.33
N PHE A 9 1.50 3.56 -0.22
CA PHE A 9 2.31 3.93 0.92
C PHE A 9 1.99 5.33 1.38
N TYR A 10 2.60 5.73 2.48
CA TYR A 10 2.42 7.06 3.05
C TYR A 10 3.66 7.44 3.84
N GLY A 11 3.80 8.74 4.08
CA GLY A 11 4.94 9.25 4.83
C GLY A 11 6.27 8.83 4.22
N GLY B 1 -2.23 4.78 0.85
CA GLY B 1 -2.91 5.99 0.41
C GLY B 1 -2.37 6.51 -0.90
N GLY B 2 -1.06 6.48 -1.05
CA GLY B 2 -0.45 6.97 -2.27
C GLY B 2 1.05 6.76 -2.27
N ALA B 3 1.77 7.83 -2.55
CA ALA B 3 3.22 7.78 -2.56
C ALA B 3 3.76 8.07 -1.16
N GLY B 4 4.70 7.27 -0.71
CA GLY B 4 5.27 7.47 0.61
C GLY B 4 6.36 6.46 0.92
N HIS B 5 6.43 6.01 2.16
CA HIS B 5 7.44 5.05 2.57
C HIS B 5 6.80 3.89 3.34
N VAL B 6 5.89 4.21 4.24
CA VAL B 6 5.22 3.19 5.03
C VAL B 6 3.99 2.66 4.30
N PRO B 7 3.90 1.33 4.11
CA PRO B 7 2.77 0.71 3.40
C PRO B 7 1.45 0.88 4.14
N GLU B 8 0.42 1.25 3.41
CA GLU B 8 -0.91 1.43 3.99
C GLU B 8 -1.84 0.31 3.53
N TYR B 9 -1.43 -0.91 3.77
CA TYR B 9 -2.21 -2.08 3.41
C TYR B 9 -1.75 -3.29 4.20
N PHE B 10 -2.65 -4.26 4.32
CA PHE B 10 -2.37 -5.48 5.05
C PHE B 10 -3.36 -6.55 4.60
N VAL A 1 -6.50 -7.59 1.83
CA VAL A 1 -6.28 -9.04 2.06
C VAL A 1 -6.33 -9.80 0.74
N GLY A 2 -5.48 -10.81 0.61
CA GLY A 2 -5.44 -11.58 -0.61
C GLY A 2 -4.43 -11.03 -1.60
N ILE A 3 -4.93 -10.49 -2.70
CA ILE A 3 -4.07 -9.90 -3.73
C ILE A 3 -3.28 -8.73 -3.16
N GLY A 4 -1.97 -8.73 -3.41
CA GLY A 4 -1.10 -7.68 -2.92
C GLY A 4 -1.52 -6.30 -3.39
N THR A 5 -1.74 -6.19 -4.70
CA THR A 5 -2.16 -4.94 -5.33
C THR A 5 -1.01 -3.92 -5.36
N PRO A 6 -0.78 -3.27 -6.52
CA PRO A 6 0.29 -2.27 -6.69
C PRO A 6 -0.04 -0.95 -5.97
N ILE A 7 -0.29 -1.04 -4.68
CA ILE A 7 -0.63 0.12 -3.86
C ILE A 7 0.61 0.92 -3.47
N SER A 8 0.41 2.18 -3.15
CA SER A 8 1.49 3.07 -2.76
C SER A 8 1.72 2.98 -1.25
N PHE A 9 2.49 3.92 -0.71
CA PHE A 9 2.82 3.93 0.72
C PHE A 9 2.66 5.32 1.32
N TYR A 10 2.91 5.42 2.61
CA TYR A 10 2.84 6.67 3.34
C TYR A 10 3.65 6.56 4.62
N GLY A 11 3.97 7.71 5.20
CA GLY A 11 4.76 7.74 6.42
C GLY A 11 6.12 7.10 6.25
N GLY B 1 -0.50 6.17 -0.60
CA GLY B 1 -0.76 7.42 -1.29
C GLY B 1 0.37 7.78 -2.23
N GLY B 2 1.60 7.52 -1.79
CA GLY B 2 2.76 7.83 -2.60
C GLY B 2 4.01 7.23 -2.00
N ALA B 3 5.02 8.05 -1.87
CA ALA B 3 6.28 7.61 -1.29
C ALA B 3 6.15 7.58 0.24
N GLY B 4 6.59 6.51 0.86
CA GLY B 4 6.50 6.39 2.30
C GLY B 4 7.08 5.09 2.81
N HIS B 5 6.45 4.53 3.83
CA HIS B 5 6.93 3.27 4.40
C HIS B 5 5.78 2.29 4.60
N VAL B 6 4.66 2.77 5.12
CA VAL B 6 3.50 1.92 5.36
C VAL B 6 2.63 1.87 4.11
N PRO B 7 2.33 0.66 3.61
CA PRO B 7 1.51 0.47 2.41
C PRO B 7 0.07 0.93 2.60
N GLU B 8 -0.47 1.57 1.58
CA GLU B 8 -1.85 2.05 1.62
C GLU B 8 -2.81 0.93 1.24
N TYR B 9 -2.71 -0.17 1.97
CA TYR B 9 -3.55 -1.33 1.71
C TYR B 9 -3.59 -2.24 2.92
N PHE B 10 -4.65 -3.02 3.00
CA PHE B 10 -4.87 -3.97 4.07
C PHE B 10 -5.56 -5.20 3.50
N VAL A 1 -5.05 -9.08 1.45
CA VAL A 1 -4.72 -8.60 0.09
C VAL A 1 -5.66 -7.46 -0.30
N GLY A 2 -5.09 -6.32 -0.66
CA GLY A 2 -5.88 -5.18 -1.04
C GLY A 2 -6.51 -5.33 -2.41
N ILE A 3 -7.73 -4.84 -2.56
CA ILE A 3 -8.43 -4.91 -3.82
C ILE A 3 -7.85 -3.89 -4.81
N GLY A 4 -7.75 -4.28 -6.07
CA GLY A 4 -7.19 -3.39 -7.08
C GLY A 4 -5.67 -3.43 -7.08
N THR A 5 -5.09 -3.38 -5.90
CA THR A 5 -3.65 -3.42 -5.73
C THR A 5 -3.32 -4.14 -4.43
N PRO A 6 -2.55 -5.24 -4.53
CA PRO A 6 -2.18 -6.07 -3.37
C PRO A 6 -1.46 -5.30 -2.27
N ILE A 7 -0.47 -4.50 -2.64
CA ILE A 7 0.29 -3.73 -1.67
C ILE A 7 0.24 -2.24 -1.99
N SER A 8 0.27 -1.42 -0.96
CA SER A 8 0.26 0.02 -1.12
C SER A 8 1.27 0.66 -0.19
N PHE A 9 1.29 1.99 -0.16
CA PHE A 9 2.24 2.71 0.70
C PHE A 9 1.57 3.92 1.34
N TYR A 10 2.29 4.54 2.26
CA TYR A 10 1.81 5.72 2.96
C TYR A 10 3.00 6.57 3.41
N GLY A 11 2.72 7.81 3.73
CA GLY A 11 3.76 8.72 4.17
C GLY A 11 4.84 8.90 3.13
N GLY B 1 -2.09 1.85 2.09
CA GLY B 1 -3.25 2.71 2.04
C GLY B 1 -3.41 3.35 0.67
N GLY B 2 -2.29 3.77 0.10
CA GLY B 2 -2.31 4.39 -1.21
C GLY B 2 -0.93 4.69 -1.70
N ALA B 3 -0.72 5.92 -2.10
CA ALA B 3 0.59 6.37 -2.57
C ALA B 3 1.38 6.94 -1.40
N GLY B 4 2.64 6.55 -1.28
CA GLY B 4 3.46 7.04 -0.18
C GLY B 4 4.87 6.53 -0.25
N HIS B 5 5.44 6.19 0.91
CA HIS B 5 6.80 5.69 0.96
C HIS B 5 6.88 4.40 1.79
N VAL B 6 6.22 4.40 2.94
CA VAL B 6 6.22 3.23 3.81
C VAL B 6 5.16 2.24 3.36
N PRO B 7 5.53 0.98 3.13
CA PRO B 7 4.60 -0.07 2.68
C PRO B 7 3.52 -0.39 3.72
N GLU B 8 2.30 -0.56 3.23
CA GLU B 8 1.16 -0.89 4.08
C GLU B 8 0.39 -2.07 3.49
N TYR B 9 0.96 -3.25 3.66
CA TYR B 9 0.34 -4.45 3.15
C TYR B 9 -0.78 -4.91 4.07
N PHE B 10 -1.78 -5.50 3.47
CA PHE B 10 -2.94 -6.03 4.16
C PHE B 10 -3.65 -7.02 3.26
N VAL A 1 -7.91 -5.13 -2.45
CA VAL A 1 -7.08 -6.33 -2.63
C VAL A 1 -7.47 -7.04 -3.92
N GLY A 2 -6.48 -7.61 -4.60
CA GLY A 2 -6.75 -8.30 -5.85
C GLY A 2 -5.56 -9.10 -6.33
N ILE A 3 -5.37 -9.15 -7.64
CA ILE A 3 -4.27 -9.89 -8.24
C ILE A 3 -2.94 -9.13 -8.11
N GLY A 4 -2.63 -8.67 -6.92
CA GLY A 4 -1.41 -7.95 -6.67
C GLY A 4 -1.43 -7.27 -5.33
N THR A 5 -0.48 -7.62 -4.48
CA THR A 5 -0.39 -7.04 -3.15
C THR A 5 1.04 -6.58 -2.84
N PRO A 6 1.55 -5.56 -3.56
CA PRO A 6 2.91 -5.05 -3.35
C PRO A 6 3.04 -4.34 -2.00
N ILE A 7 1.98 -3.60 -1.64
CA ILE A 7 1.93 -2.85 -0.39
C ILE A 7 2.86 -1.63 -0.42
N SER A 8 2.40 -0.56 0.17
CA SER A 8 3.16 0.68 0.24
C SER A 8 2.61 1.58 1.32
N PHE A 9 3.35 2.63 1.64
CA PHE A 9 2.95 3.58 2.67
C PHE A 9 3.24 5.00 2.23
N TYR A 10 2.81 5.95 3.04
CA TYR A 10 3.02 7.37 2.79
C TYR A 10 3.03 8.12 4.11
N GLY A 11 3.55 9.33 4.08
CA GLY A 11 3.63 10.15 5.27
C GLY A 11 4.42 9.49 6.37
N GLY B 1 1.92 4.26 -1.81
CA GLY B 1 2.68 4.99 -2.80
C GLY B 1 4.15 4.65 -2.77
N GLY B 2 4.71 4.56 -1.56
CA GLY B 2 6.11 4.24 -1.42
C GLY B 2 6.50 4.06 0.03
N ALA B 3 7.54 4.76 0.43
CA ALA B 3 8.02 4.70 1.81
C ALA B 3 7.27 5.74 2.64
N GLY B 4 6.81 5.33 3.81
CA GLY B 4 6.09 6.24 4.67
C GLY B 4 5.67 5.60 5.97
N HIS B 5 4.47 5.92 6.44
CA HIS B 5 3.96 5.36 7.69
C HIS B 5 2.54 4.85 7.52
N VAL B 6 1.69 5.64 6.86
CA VAL B 6 0.31 5.25 6.64
C VAL B 6 0.18 4.41 5.38
N PRO B 7 -0.43 3.21 5.48
CA PRO B 7 -0.60 2.31 4.33
C PRO B 7 -1.51 2.89 3.26
N GLU B 8 -1.08 2.75 2.00
CA GLU B 8 -1.86 3.24 0.87
C GLU B 8 -2.32 2.09 -0.02
N TYR B 9 -3.04 1.16 0.58
CA TYR B 9 -3.56 0.02 -0.14
C TYR B 9 -4.71 -0.61 0.64
N PHE B 10 -5.57 -1.28 -0.09
CA PHE B 10 -6.73 -1.96 0.48
C PHE B 10 -7.23 -2.99 -0.52
N VAL A 1 -4.23 -1.82 -3.37
CA VAL A 1 -3.48 -2.79 -4.19
C VAL A 1 -2.02 -2.35 -4.30
N GLY A 2 -1.11 -3.30 -4.11
CA GLY A 2 0.30 -3.01 -4.18
C GLY A 2 1.13 -4.26 -4.21
N ILE A 3 1.90 -4.50 -3.15
CA ILE A 3 2.73 -5.68 -3.05
C ILE A 3 1.87 -6.92 -2.74
N GLY A 4 1.01 -7.28 -3.68
CA GLY A 4 0.13 -8.42 -3.50
C GLY A 4 -1.09 -8.10 -2.65
N THR A 5 -0.86 -7.35 -1.59
CA THR A 5 -1.92 -6.96 -0.67
C THR A 5 -2.94 -6.02 -1.33
N PRO A 6 -4.24 -6.28 -1.10
CA PRO A 6 -5.33 -5.48 -1.66
C PRO A 6 -5.38 -4.07 -1.08
N ILE A 7 -4.84 -3.92 0.12
CA ILE A 7 -4.81 -2.64 0.82
C ILE A 7 -4.06 -1.58 0.01
N SER A 8 -4.34 -0.32 0.29
CA SER A 8 -3.71 0.79 -0.39
C SER A 8 -2.30 1.07 0.15
N PHE A 9 -1.56 1.90 -0.56
CA PHE A 9 -0.19 2.24 -0.19
C PHE A 9 0.04 3.74 -0.33
N TYR A 10 1.23 4.17 0.03
CA TYR A 10 1.63 5.57 -0.06
C TYR A 10 3.13 5.69 0.05
N GLY A 11 3.65 6.83 -0.35
CA GLY A 11 5.08 7.07 -0.29
C GLY A 11 5.86 6.08 -1.13
N GLY B 1 -3.30 4.95 0.68
CA GLY B 1 -4.24 5.73 -0.11
C GLY B 1 -4.35 5.23 -1.53
N GLY B 2 -3.23 4.89 -2.13
CA GLY B 2 -3.21 4.40 -3.50
C GLY B 2 -1.92 3.71 -3.82
N ALA B 3 -1.30 4.15 -4.89
CA ALA B 3 -0.02 3.59 -5.32
C ALA B 3 1.09 4.18 -4.47
N GLY B 4 2.01 3.34 -3.99
CA GLY B 4 3.10 3.82 -3.17
C GLY B 4 4.02 2.71 -2.73
N HIS B 5 4.55 2.80 -1.53
CA HIS B 5 5.47 1.80 -1.00
C HIS B 5 5.04 1.32 0.38
N VAL B 6 4.63 2.26 1.22
CA VAL B 6 4.19 1.95 2.57
C VAL B 6 2.69 1.66 2.57
N PRO B 7 2.27 0.50 3.11
CA PRO B 7 0.86 0.11 3.16
C PRO B 7 0.03 0.99 4.11
N GLU B 8 -1.19 1.31 3.68
CA GLU B 8 -2.10 2.11 4.48
C GLU B 8 -2.83 1.23 5.49
N TYR B 9 -2.06 0.49 6.25
CA TYR B 9 -2.60 -0.42 7.25
C TYR B 9 -1.52 -0.78 8.26
N PHE B 10 -1.95 -1.13 9.45
CA PHE B 10 -1.06 -1.51 10.53
C PHE B 10 -1.70 -2.63 11.33
N VAL A 1 -2.57 -2.58 -3.03
CA VAL A 1 -3.77 -2.32 -2.21
C VAL A 1 -4.99 -2.97 -2.83
N GLY A 2 -5.86 -3.54 -2.01
CA GLY A 2 -7.06 -4.19 -2.51
C GLY A 2 -6.76 -5.49 -3.23
N ILE A 3 -7.13 -5.55 -4.50
CA ILE A 3 -6.93 -6.74 -5.32
C ILE A 3 -5.43 -7.07 -5.46
N GLY A 4 -5.12 -8.36 -5.50
CA GLY A 4 -3.74 -8.79 -5.62
C GLY A 4 -3.03 -8.84 -4.29
N THR A 5 -2.99 -7.71 -3.62
CA THR A 5 -2.35 -7.58 -2.32
C THR A 5 -2.94 -6.38 -1.57
N PRO A 6 -3.65 -6.64 -0.46
CA PRO A 6 -4.28 -5.57 0.34
C PRO A 6 -3.24 -4.64 0.95
N ILE A 7 -2.31 -5.20 1.69
CA ILE A 7 -1.27 -4.40 2.33
C ILE A 7 -0.27 -3.89 1.30
N SER A 8 0.11 -2.64 1.46
CA SER A 8 1.05 -2.01 0.56
C SER A 8 1.65 -0.76 1.21
N PHE A 9 2.33 0.06 0.43
CA PHE A 9 2.96 1.28 0.95
C PHE A 9 2.75 2.43 -0.02
N TYR A 10 3.25 3.59 0.38
CA TYR A 10 3.16 4.81 -0.42
C TYR A 10 4.17 5.81 0.07
N GLY A 11 4.44 6.81 -0.75
CA GLY A 11 5.39 7.84 -0.41
C GLY A 11 6.78 7.28 -0.17
N GLY B 1 -0.64 1.74 -1.25
CA GLY B 1 -1.06 1.47 -2.59
C GLY B 1 -0.17 0.47 -3.29
N GLY B 2 1.13 0.65 -3.14
CA GLY B 2 2.10 -0.23 -3.76
C GLY B 2 3.47 -0.03 -3.18
N ALA B 3 4.43 0.22 -4.04
CA ALA B 3 5.79 0.47 -3.60
C ALA B 3 5.89 1.87 -2.99
N GLY B 4 6.52 1.96 -1.84
CA GLY B 4 6.66 3.25 -1.18
C GLY B 4 7.43 3.15 0.12
N HIS B 5 7.01 3.91 1.12
CA HIS B 5 7.68 3.90 2.42
C HIS B 5 6.68 3.77 3.55
N VAL B 6 5.61 4.57 3.50
CA VAL B 6 4.59 4.54 4.52
C VAL B 6 3.56 3.47 4.20
N PRO B 7 3.30 2.55 5.16
CA PRO B 7 2.33 1.47 4.97
C PRO B 7 0.90 1.96 4.81
N GLU B 8 0.18 1.36 3.86
CA GLU B 8 -1.21 1.70 3.60
C GLU B 8 -2.12 1.01 4.61
N TYR B 9 -1.88 1.28 5.88
CA TYR B 9 -2.67 0.70 6.95
C TYR B 9 -3.99 1.44 7.11
N PHE B 10 -4.96 0.73 7.65
CA PHE B 10 -6.29 1.28 7.89
C PHE B 10 -7.00 0.42 8.91
N VAL A 1 -1.93 -3.47 -3.09
CA VAL A 1 -3.18 -3.90 -3.77
C VAL A 1 -2.86 -4.57 -5.09
N GLY A 2 -3.87 -4.71 -5.94
CA GLY A 2 -3.67 -5.34 -7.24
C GLY A 2 -3.46 -6.84 -7.14
N ILE A 3 -2.62 -7.36 -8.02
CA ILE A 3 -2.32 -8.79 -8.05
C ILE A 3 -1.25 -9.17 -7.04
N GLY A 4 -1.44 -8.78 -5.79
CA GLY A 4 -0.48 -9.10 -4.76
C GLY A 4 -1.09 -8.98 -3.39
N THR A 5 -0.41 -8.25 -2.52
CA THR A 5 -0.88 -8.05 -1.16
C THR A 5 -1.92 -6.94 -1.09
N PRO A 6 -3.03 -7.18 -0.37
CA PRO A 6 -4.10 -6.20 -0.22
C PRO A 6 -3.57 -4.92 0.43
N ILE A 7 -2.93 -5.08 1.57
CA ILE A 7 -2.34 -3.96 2.28
C ILE A 7 -1.07 -3.54 1.57
N SER A 8 -0.84 -2.24 1.50
CA SER A 8 0.33 -1.70 0.85
C SER A 8 0.59 -0.27 1.29
N PHE A 9 1.40 0.47 0.53
CA PHE A 9 1.74 1.85 0.87
C PHE A 9 1.73 2.71 -0.38
N TYR A 10 2.01 3.99 -0.19
CA TYR A 10 2.07 4.96 -1.27
C TYR A 10 2.82 6.21 -0.82
N GLY A 11 3.24 7.01 -1.78
CA GLY A 11 3.98 8.23 -1.47
C GLY A 11 5.27 7.94 -0.75
N GLY B 1 -1.19 1.24 -2.06
CA GLY B 1 -1.23 0.65 -3.39
C GLY B 1 -0.08 -0.30 -3.65
N GLY B 2 1.11 0.11 -3.25
CA GLY B 2 2.29 -0.71 -3.45
C GLY B 2 3.43 -0.20 -2.61
N ALA B 3 4.56 0.02 -3.25
CA ALA B 3 5.73 0.53 -2.56
C ALA B 3 5.55 2.02 -2.30
N GLY B 4 5.83 2.45 -1.08
CA GLY B 4 5.69 3.85 -0.73
C GLY B 4 6.09 4.13 0.70
N HIS B 5 5.36 5.04 1.35
CA HIS B 5 5.66 5.39 2.73
C HIS B 5 4.40 5.39 3.58
N VAL B 6 3.34 5.99 3.06
CA VAL B 6 2.07 6.05 3.78
C VAL B 6 1.26 4.78 3.51
N PRO B 7 0.85 4.08 4.58
CA PRO B 7 0.08 2.84 4.46
C PRO B 7 -1.31 3.03 3.88
N GLU B 8 -1.72 2.10 3.03
CA GLU B 8 -3.04 2.13 2.41
C GLU B 8 -4.08 1.52 3.34
N TYR B 9 -4.14 2.07 4.54
CA TYR B 9 -5.07 1.59 5.55
C TYR B 9 -5.27 2.67 6.62
N PHE B 10 -6.38 2.58 7.31
CA PHE B 10 -6.73 3.52 8.37
C PHE B 10 -7.77 2.87 9.27
N VAL A 1 -1.53 -1.78 -3.76
CA VAL A 1 -2.65 -1.74 -4.70
C VAL A 1 -2.61 -2.95 -5.64
N GLY A 2 -3.76 -3.55 -5.88
CA GLY A 2 -3.81 -4.71 -6.75
C GLY A 2 -3.32 -5.97 -6.08
N ILE A 3 -2.46 -6.70 -6.79
CA ILE A 3 -1.89 -7.96 -6.29
C ILE A 3 -0.98 -7.72 -5.08
N GLY A 4 -0.93 -8.70 -4.20
CA GLY A 4 -0.10 -8.60 -3.00
C GLY A 4 -0.79 -7.89 -1.87
N THR A 5 -1.26 -6.70 -2.16
CA THR A 5 -1.96 -5.88 -1.17
C THR A 5 -2.82 -4.86 -1.89
N PRO A 6 -4.15 -4.89 -1.67
CA PRO A 6 -5.08 -3.96 -2.32
C PRO A 6 -4.87 -2.51 -1.86
N ILE A 7 -4.53 -2.36 -0.58
CA ILE A 7 -4.30 -1.05 0.00
C ILE A 7 -3.08 -0.36 -0.63
N SER A 8 -3.00 0.94 -0.45
CA SER A 8 -1.89 1.73 -1.00
C SER A 8 -0.65 1.60 -0.13
N PHE A 9 0.32 2.47 -0.34
CA PHE A 9 1.57 2.44 0.41
C PHE A 9 1.99 3.82 0.87
N TYR A 10 3.11 3.87 1.56
CA TYR A 10 3.69 5.11 2.06
C TYR A 10 5.18 4.90 2.34
N GLY A 11 5.91 5.99 2.47
CA GLY A 11 7.33 5.92 2.74
C GLY A 11 8.08 5.17 1.65
N GLY B 1 -1.43 5.16 1.68
CA GLY B 1 -2.07 6.36 1.20
C GLY B 1 -1.95 6.51 -0.30
N GLY B 2 -0.80 6.16 -0.84
CA GLY B 2 -0.57 6.25 -2.26
C GLY B 2 0.68 5.53 -2.65
N ALA B 3 1.53 6.22 -3.40
CA ALA B 3 2.80 5.65 -3.82
C ALA B 3 3.78 5.66 -2.65
N GLY B 4 4.47 4.55 -2.47
CA GLY B 4 5.42 4.44 -1.38
C GLY B 4 6.12 3.10 -1.37
N HIS B 5 6.37 2.57 -0.18
CA HIS B 5 7.04 1.29 -0.05
C HIS B 5 6.30 0.38 0.95
N VAL B 6 5.92 0.94 2.09
CA VAL B 6 5.22 0.17 3.10
C VAL B 6 3.70 0.29 2.92
N PRO B 7 2.99 -0.83 2.84
CA PRO B 7 1.53 -0.84 2.66
C PRO B 7 0.79 -0.19 3.81
N GLU B 8 -0.28 0.52 3.50
CA GLU B 8 -1.09 1.20 4.51
C GLU B 8 -2.04 0.23 5.19
N TYR B 9 -1.48 -0.83 5.74
CA TYR B 9 -2.25 -1.84 6.43
C TYR B 9 -2.65 -1.39 7.83
N PHE B 10 -3.77 -1.91 8.31
CA PHE B 10 -4.28 -1.59 9.63
C PHE B 10 -5.25 -2.68 10.05
N VAL A 1 1.24 -6.22 -3.43
CA VAL A 1 1.12 -4.79 -3.04
C VAL A 1 1.71 -3.90 -4.12
N GLY A 2 0.98 -2.87 -4.49
CA GLY A 2 1.42 -1.96 -5.54
C GLY A 2 1.30 -2.58 -6.91
N ILE A 3 2.17 -3.54 -7.20
CA ILE A 3 2.16 -4.23 -8.47
C ILE A 3 1.02 -5.26 -8.48
N GLY A 4 0.08 -5.08 -9.40
CA GLY A 4 -1.05 -5.99 -9.52
C GLY A 4 -1.92 -6.04 -8.28
N THR A 5 -1.85 -5.00 -7.46
CA THR A 5 -2.64 -4.92 -6.23
C THR A 5 -2.73 -3.48 -5.74
N PRO A 6 -3.95 -2.94 -5.60
CA PRO A 6 -4.16 -1.56 -5.14
C PRO A 6 -3.60 -1.35 -3.74
N ILE A 7 -3.87 -2.30 -2.85
CA ILE A 7 -3.38 -2.22 -1.49
C ILE A 7 -1.86 -2.33 -1.44
N SER A 8 -1.24 -1.53 -0.59
CA SER A 8 0.20 -1.52 -0.45
C SER A 8 0.59 -0.93 0.89
N PHE A 9 1.87 -0.63 1.07
CA PHE A 9 2.37 -0.08 2.31
C PHE A 9 3.42 1.00 2.05
N TYR A 10 3.85 1.64 3.13
CA TYR A 10 4.86 2.69 3.06
C TYR A 10 5.45 2.91 4.44
N GLY A 11 6.59 3.58 4.48
CA GLY A 11 7.24 3.86 5.74
C GLY A 11 7.58 2.60 6.50
N GLY B 1 2.04 2.49 -1.17
CA GLY B 1 2.72 2.60 -2.45
C GLY B 1 3.44 1.33 -2.84
N GLY B 2 4.07 0.69 -1.86
CA GLY B 2 4.80 -0.53 -2.11
C GLY B 2 5.12 -1.24 -0.82
N ALA B 3 6.40 -1.53 -0.64
CA ALA B 3 6.86 -2.20 0.57
C ALA B 3 7.05 -1.16 1.68
N GLY B 4 6.59 -1.48 2.87
CA GLY B 4 6.71 -0.57 3.99
C GLY B 4 6.12 -1.12 5.27
N HIS B 5 5.46 -0.26 6.04
CA HIS B 5 4.86 -0.70 7.30
C HIS B 5 3.41 -0.23 7.38
N VAL B 6 3.17 1.03 7.05
CA VAL B 6 1.82 1.59 7.10
C VAL B 6 1.11 1.32 5.77
N PRO B 7 -0.09 0.71 5.82
CA PRO B 7 -0.86 0.39 4.62
C PRO B 7 -1.40 1.63 3.90
N GLU B 8 -1.32 1.62 2.58
CA GLU B 8 -1.81 2.72 1.75
C GLU B 8 -3.32 2.60 1.56
N TYR B 9 -4.03 2.59 2.67
CA TYR B 9 -5.48 2.46 2.65
C TYR B 9 -6.12 3.81 2.33
N PHE B 10 -7.31 3.74 1.79
CA PHE B 10 -8.08 4.91 1.41
C PHE B 10 -9.55 4.53 1.27
N VAL A 1 -3.38 -3.65 -1.84
CA VAL A 1 -3.97 -3.58 -3.20
C VAL A 1 -3.47 -2.33 -3.91
N GLY A 2 -3.04 -2.48 -5.14
CA GLY A 2 -2.54 -1.35 -5.90
C GLY A 2 -1.93 -1.79 -7.21
N ILE A 3 -0.77 -1.23 -7.52
CA ILE A 3 -0.04 -1.58 -8.75
C ILE A 3 0.66 -2.92 -8.61
N GLY A 4 -0.11 -3.96 -8.33
CA GLY A 4 0.45 -5.29 -8.17
C GLY A 4 0.68 -5.64 -6.72
N THR A 5 0.85 -4.61 -5.90
CA THR A 5 1.09 -4.78 -4.47
C THR A 5 -0.14 -5.37 -3.77
N PRO A 6 0.03 -6.53 -3.11
CA PRO A 6 -1.06 -7.21 -2.40
C PRO A 6 -1.53 -6.41 -1.18
N ILE A 7 -0.58 -6.05 -0.33
CA ILE A 7 -0.87 -5.28 0.88
C ILE A 7 -1.17 -3.82 0.53
N SER A 8 -1.79 -3.10 1.45
CA SER A 8 -2.13 -1.72 1.20
C SER A 8 -1.02 -0.77 1.61
N PHE A 9 -1.04 0.41 1.02
CA PHE A 9 -0.05 1.44 1.28
C PHE A 9 -0.71 2.82 1.32
N TYR A 10 0.10 3.82 1.62
CA TYR A 10 -0.35 5.21 1.68
C TYR A 10 0.86 6.12 1.60
N GLY A 11 0.60 7.38 1.32
CA GLY A 11 1.67 8.36 1.21
C GLY A 11 2.69 7.99 0.16
N GLY B 1 -4.11 1.96 2.55
CA GLY B 1 -5.39 2.02 1.87
C GLY B 1 -5.32 1.51 0.45
N GLY B 2 -4.30 1.93 -0.27
CA GLY B 2 -4.14 1.52 -1.65
C GLY B 2 -2.73 1.77 -2.13
N ALA B 3 -2.62 2.40 -3.27
CA ALA B 3 -1.33 2.72 -3.84
C ALA B 3 -0.65 3.82 -3.02
N GLY B 4 0.61 3.62 -2.68
CA GLY B 4 1.33 4.61 -1.90
C GLY B 4 2.77 4.20 -1.70
N HIS B 5 3.31 4.47 -0.51
CA HIS B 5 4.69 4.12 -0.21
C HIS B 5 4.79 3.39 1.13
N VAL B 6 4.12 3.92 2.14
CA VAL B 6 4.15 3.30 3.46
C VAL B 6 2.99 2.32 3.61
N PRO B 7 3.27 1.07 3.99
CA PRO B 7 2.24 0.04 4.16
C PRO B 7 1.25 0.39 5.26
N GLU B 8 -0.03 0.07 5.03
CA GLU B 8 -1.08 0.34 6.00
C GLU B 8 -1.10 -0.73 7.08
N TYR B 9 0.04 -0.92 7.72
CA TYR B 9 0.18 -1.92 8.77
C TYR B 9 1.10 -1.38 9.87
N PHE B 10 0.94 -1.91 11.06
CA PHE B 10 1.74 -1.51 12.21
C PHE B 10 1.66 -2.60 13.28
N VAL A 1 0.66 -4.47 -7.03
CA VAL A 1 -0.11 -3.27 -6.62
C VAL A 1 -1.59 -3.58 -6.67
N GLY A 2 -2.26 -3.43 -5.54
CA GLY A 2 -3.68 -3.72 -5.48
C GLY A 2 -3.95 -5.20 -5.60
N ILE A 3 -4.05 -5.67 -6.83
CA ILE A 3 -4.27 -7.08 -7.09
C ILE A 3 -2.99 -7.86 -6.79
N GLY A 4 -3.11 -8.87 -5.94
CA GLY A 4 -1.94 -9.66 -5.57
C GLY A 4 -0.94 -8.87 -4.75
N THR A 5 -1.45 -8.05 -3.85
CA THR A 5 -0.61 -7.24 -3.00
C THR A 5 -1.34 -6.91 -1.70
N PRO A 6 -0.77 -7.31 -0.55
CA PRO A 6 -1.37 -7.06 0.76
C PRO A 6 -1.05 -5.66 1.29
N ILE A 7 -0.76 -5.58 2.59
CA ILE A 7 -0.42 -4.31 3.21
C ILE A 7 0.79 -3.68 2.54
N SER A 8 0.71 -2.39 2.27
CA SER A 8 1.77 -1.67 1.61
C SER A 8 1.64 -0.17 1.86
N PHE A 9 2.27 0.64 1.03
CA PHE A 9 2.24 2.08 1.19
C PHE A 9 1.83 2.78 -0.09
N TYR A 10 1.74 4.10 -0.01
CA TYR A 10 1.41 4.96 -1.14
C TYR A 10 1.92 6.36 -0.90
N GLY A 11 1.99 7.15 -1.96
CA GLY A 11 2.47 8.51 -1.85
C GLY A 11 3.87 8.59 -1.28
N GLY B 1 -0.88 -0.01 -1.24
CA GLY B 1 -1.04 -0.42 -2.63
C GLY B 1 0.27 -0.89 -3.21
N GLY B 2 1.37 -0.29 -2.76
CA GLY B 2 2.68 -0.64 -3.25
C GLY B 2 3.77 0.13 -2.54
N ALA B 3 4.68 0.68 -3.31
CA ALA B 3 5.76 1.47 -2.77
C ALA B 3 5.29 2.90 -2.55
N GLY B 4 5.63 3.47 -1.40
CA GLY B 4 5.22 4.82 -1.09
C GLY B 4 5.75 5.29 0.24
N HIS B 5 4.94 6.05 0.98
CA HIS B 5 5.35 6.56 2.28
C HIS B 5 4.27 6.31 3.32
N VAL B 6 3.03 6.57 2.96
CA VAL B 6 1.91 6.39 3.88
C VAL B 6 1.30 5.00 3.71
N PRO B 7 1.17 4.23 4.80
CA PRO B 7 0.60 2.88 4.76
C PRO B 7 -0.85 2.87 4.28
N GLU B 8 -1.20 1.88 3.46
CA GLU B 8 -2.56 1.75 2.93
C GLU B 8 -3.47 1.10 3.95
N TYR B 9 -3.55 1.72 5.12
CA TYR B 9 -4.39 1.24 6.20
C TYR B 9 -5.85 1.62 5.99
N PHE B 10 -6.75 0.80 6.50
CA PHE B 10 -8.17 1.04 6.37
C PHE B 10 -8.90 0.23 7.44
N VAL A 1 -1.65 -3.74 -4.01
CA VAL A 1 -0.91 -4.35 -5.13
C VAL A 1 -0.37 -5.70 -4.69
N GLY A 2 -0.35 -6.66 -5.61
CA GLY A 2 0.11 -8.01 -5.28
C GLY A 2 -0.99 -8.78 -4.57
N ILE A 3 -1.37 -8.27 -3.41
CA ILE A 3 -2.45 -8.86 -2.63
C ILE A 3 -3.77 -8.37 -3.21
N GLY A 4 -4.84 -9.12 -3.00
CA GLY A 4 -6.16 -8.74 -3.51
C GLY A 4 -6.57 -7.34 -3.11
N THR A 5 -6.22 -6.96 -1.89
CA THR A 5 -6.53 -5.64 -1.37
C THR A 5 -5.66 -4.58 -2.03
N PRO A 6 -6.21 -3.37 -2.25
CA PRO A 6 -5.49 -2.26 -2.90
C PRO A 6 -4.40 -1.65 -2.00
N ILE A 7 -3.63 -2.51 -1.34
CA ILE A 7 -2.56 -2.07 -0.46
C ILE A 7 -1.52 -1.26 -1.23
N SER A 8 -0.98 -0.24 -0.57
CA SER A 8 -0.01 0.64 -1.17
C SER A 8 0.79 1.36 -0.07
N PHE A 9 1.32 2.54 -0.37
CA PHE A 9 2.10 3.28 0.60
C PHE A 9 1.61 4.73 0.70
N TYR A 10 2.08 5.44 1.71
CA TYR A 10 1.74 6.84 1.91
C TYR A 10 2.84 7.55 2.67
N GLY A 11 2.81 8.87 2.61
CA GLY A 11 3.82 9.66 3.29
C GLY A 11 5.22 9.35 2.81
N GLY B 1 -2.44 3.83 0.23
CA GLY B 1 -3.18 4.88 -0.44
C GLY B 1 -2.65 5.12 -1.84
N GLY B 2 -1.34 5.04 -2.00
CA GLY B 2 -0.71 5.26 -3.28
C GLY B 2 0.78 5.14 -3.19
N ALA B 3 1.47 6.16 -3.65
CA ALA B 3 2.91 6.20 -3.60
C ALA B 3 3.35 6.93 -2.34
N GLY B 4 4.29 6.34 -1.60
CA GLY B 4 4.75 6.96 -0.37
C GLY B 4 5.88 6.20 0.26
N HIS B 5 5.86 6.11 1.59
CA HIS B 5 6.90 5.40 2.32
C HIS B 5 6.31 4.42 3.33
N VAL B 6 5.28 4.87 4.06
CA VAL B 6 4.64 4.02 5.04
C VAL B 6 3.57 3.16 4.39
N PRO B 7 3.63 1.83 4.58
CA PRO B 7 2.68 0.90 3.98
C PRO B 7 1.27 1.00 4.57
N GLU B 8 0.29 1.14 3.69
CA GLU B 8 -1.11 1.19 4.07
C GLU B 8 -1.76 -0.13 3.70
N TYR B 9 -1.46 -1.14 4.50
CA TYR B 9 -1.96 -2.48 4.28
C TYR B 9 -3.42 -2.59 4.72
N PHE B 10 -4.10 -3.55 4.11
CA PHE B 10 -5.50 -3.82 4.38
C PHE B 10 -5.82 -5.23 3.90
N VAL A 1 -5.47 -1.62 -5.58
CA VAL A 1 -5.67 -1.42 -4.12
C VAL A 1 -6.64 -2.46 -3.59
N GLY A 2 -6.27 -3.10 -2.48
CA GLY A 2 -7.11 -4.13 -1.92
C GLY A 2 -7.13 -5.38 -2.76
N ILE A 3 -8.30 -5.75 -3.25
CA ILE A 3 -8.43 -6.93 -4.10
C ILE A 3 -7.63 -6.78 -5.39
N GLY A 4 -6.92 -7.84 -5.76
CA GLY A 4 -6.10 -7.80 -6.96
C GLY A 4 -4.91 -6.88 -6.81
N THR A 5 -4.36 -6.84 -5.62
CA THR A 5 -3.21 -5.99 -5.34
C THR A 5 -2.44 -6.53 -4.13
N PRO A 6 -1.12 -6.75 -4.29
CA PRO A 6 -0.28 -7.27 -3.21
C PRO A 6 0.16 -6.16 -2.25
N ILE A 7 1.35 -6.31 -1.67
CA ILE A 7 1.87 -5.32 -0.75
C ILE A 7 2.17 -4.02 -1.50
N SER A 8 1.85 -2.92 -0.84
CA SER A 8 2.06 -1.60 -1.42
C SER A 8 2.14 -0.55 -0.33
N PHE A 9 2.09 0.72 -0.71
CA PHE A 9 2.18 1.83 0.24
C PHE A 9 1.17 2.91 -0.09
N TYR A 10 1.17 3.95 0.73
CA TYR A 10 0.29 5.10 0.55
C TYR A 10 0.79 6.26 1.38
N GLY A 11 0.30 7.44 1.07
CA GLY A 11 0.70 8.63 1.79
C GLY A 11 2.19 8.88 1.70
N GLY B 1 -1.76 0.88 -1.29
CA GLY B 1 -2.43 0.93 -2.57
C GLY B 1 -1.47 1.02 -3.74
N GLY B 2 -0.37 1.72 -3.54
CA GLY B 2 0.62 1.88 -4.58
C GLY B 2 1.86 2.57 -4.06
N ALA B 3 2.28 3.60 -4.74
CA ALA B 3 3.44 4.37 -4.33
C ALA B 3 3.06 5.28 -3.16
N GLY B 4 3.91 5.31 -2.14
CA GLY B 4 3.64 6.15 -0.99
C GLY B 4 4.72 6.02 0.06
N HIS B 5 4.33 6.02 1.33
CA HIS B 5 5.29 5.92 2.43
C HIS B 5 4.85 4.87 3.45
N VAL B 6 3.57 4.92 3.82
CA VAL B 6 3.04 3.97 4.78
C VAL B 6 2.57 2.70 4.07
N PRO B 7 3.03 1.52 4.52
CA PRO B 7 2.68 0.24 3.90
C PRO B 7 1.20 -0.11 4.09
N GLU B 8 0.60 -0.66 3.04
CA GLU B 8 -0.81 -1.07 3.08
C GLU B 8 -0.94 -2.43 3.75
N TYR B 9 -0.43 -2.53 4.96
CA TYR B 9 -0.48 -3.76 5.73
C TYR B 9 -0.26 -3.45 7.20
N PHE B 10 -0.73 -4.34 8.05
CA PHE B 10 -0.60 -4.21 9.48
C PHE B 10 -0.80 -5.59 10.11
N VAL A 1 -7.40 -6.46 -5.87
CA VAL A 1 -7.65 -5.66 -4.65
C VAL A 1 -7.36 -6.50 -3.42
N GLY A 2 -6.62 -5.95 -2.47
CA GLY A 2 -6.27 -6.70 -1.29
C GLY A 2 -5.25 -7.77 -1.59
N ILE A 3 -5.61 -9.02 -1.35
CA ILE A 3 -4.74 -10.14 -1.63
C ILE A 3 -4.49 -10.27 -3.12
N GLY A 4 -3.25 -10.54 -3.49
CA GLY A 4 -2.90 -10.68 -4.90
C GLY A 4 -2.92 -9.34 -5.62
N THR A 5 -2.44 -8.31 -4.95
CA THR A 5 -2.39 -6.97 -5.51
C THR A 5 -1.32 -6.16 -4.81
N PRO A 6 -0.39 -5.56 -5.58
CA PRO A 6 0.70 -4.76 -5.03
C PRO A 6 0.20 -3.47 -4.39
N ILE A 7 0.31 -3.39 -3.07
CA ILE A 7 -0.14 -2.23 -2.34
C ILE A 7 0.96 -1.17 -2.26
N SER A 8 0.58 0.08 -2.43
CA SER A 8 1.53 1.19 -2.38
C SER A 8 1.83 1.58 -0.94
N PHE A 9 2.58 2.66 -0.77
CA PHE A 9 2.97 3.13 0.56
C PHE A 9 2.86 4.65 0.65
N TYR A 10 3.16 5.16 1.83
CA TYR A 10 3.12 6.59 2.10
C TYR A 10 3.88 6.89 3.38
N GLY A 11 4.26 8.14 3.53
CA GLY A 11 4.99 8.56 4.72
C GLY A 11 6.26 7.77 4.94
N GLY B 1 -0.16 5.21 -1.49
CA GLY B 1 -0.26 6.02 -2.69
C GLY B 1 0.92 5.82 -3.63
N GLY B 2 2.11 5.70 -3.06
CA GLY B 2 3.30 5.52 -3.86
C GLY B 2 4.48 5.15 -2.99
N ALA B 3 5.56 5.87 -3.15
CA ALA B 3 6.76 5.63 -2.37
C ALA B 3 6.57 6.16 -0.95
N GLY B 4 6.94 5.35 0.04
CA GLY B 4 6.80 5.76 1.41
C GLY B 4 7.25 4.68 2.37
N HIS B 5 6.55 4.56 3.50
CA HIS B 5 6.89 3.55 4.50
C HIS B 5 5.67 2.78 4.96
N VAL B 6 4.58 3.50 5.21
CA VAL B 6 3.35 2.88 5.65
C VAL B 6 2.54 2.42 4.44
N PRO B 7 2.15 1.13 4.41
CA PRO B 7 1.38 0.57 3.29
C PRO B 7 -0.03 1.13 3.19
N GLU B 8 -0.47 1.39 1.95
CA GLU B 8 -1.80 1.91 1.69
C GLU B 8 -2.82 0.77 1.69
N TYR B 9 -2.89 0.06 2.79
CA TYR B 9 -3.80 -1.06 2.95
C TYR B 9 -4.05 -1.35 4.41
N PHE B 10 -5.14 -2.05 4.66
CA PHE B 10 -5.54 -2.43 6.02
C PHE B 10 -6.49 -3.61 5.92
N VAL A 1 -0.34 -2.70 -3.95
CA VAL A 1 -1.52 -3.47 -4.42
C VAL A 1 -1.09 -4.51 -5.43
N GLY A 2 -2.04 -5.32 -5.89
CA GLY A 2 -1.73 -6.35 -6.87
C GLY A 2 -2.90 -7.30 -7.04
N ILE A 3 -2.63 -8.46 -7.66
CA ILE A 3 -3.66 -9.47 -7.89
C ILE A 3 -3.89 -10.31 -6.62
N GLY A 4 -4.31 -9.63 -5.56
CA GLY A 4 -4.56 -10.29 -4.30
C GLY A 4 -4.75 -9.28 -3.19
N THR A 5 -3.84 -9.30 -2.24
CA THR A 5 -3.88 -8.36 -1.12
C THR A 5 -2.46 -8.06 -0.63
N PRO A 6 -1.58 -7.56 -1.52
CA PRO A 6 -0.20 -7.22 -1.17
C PRO A 6 -0.11 -5.87 -0.48
N ILE A 7 0.54 -5.85 0.69
CA ILE A 7 0.71 -4.64 1.45
C ILE A 7 1.52 -3.60 0.67
N SER A 8 1.19 -2.33 0.87
CA SER A 8 1.89 -1.26 0.17
C SER A 8 1.68 0.07 0.90
N PHE A 9 2.15 1.16 0.31
CA PHE A 9 2.04 2.48 0.92
C PHE A 9 1.59 3.51 -0.11
N TYR A 10 1.50 4.76 0.34
CA TYR A 10 1.12 5.87 -0.51
C TYR A 10 1.50 7.18 0.15
N GLY A 11 1.52 8.23 -0.64
CA GLY A 11 1.88 9.54 -0.14
C GLY A 11 3.28 9.56 0.43
N GLY B 1 -0.89 1.60 -1.97
CA GLY B 1 -0.89 1.26 -3.38
C GLY B 1 0.46 0.78 -3.86
N GLY B 2 1.52 1.43 -3.42
CA GLY B 2 2.86 1.07 -3.81
C GLY B 2 3.89 1.77 -2.96
N ALA B 3 4.81 2.42 -3.61
CA ALA B 3 5.85 3.16 -2.92
C ALA B 3 5.25 4.45 -2.34
N GLY B 4 5.54 4.72 -1.08
CA GLY B 4 5.01 5.91 -0.45
C GLY B 4 5.46 6.05 0.99
N HIS B 5 4.58 6.53 1.85
CA HIS B 5 4.91 6.70 3.27
C HIS B 5 3.82 6.15 4.16
N VAL B 6 2.57 6.46 3.84
CA VAL B 6 1.44 5.97 4.63
C VAL B 6 1.03 4.59 4.16
N PRO B 7 0.96 3.61 5.07
CA PRO B 7 0.58 2.23 4.72
C PRO B 7 -0.86 2.11 4.24
N GLU B 8 -1.06 1.29 3.22
CA GLU B 8 -2.38 1.05 2.66
C GLU B 8 -3.13 0.01 3.49
N TYR B 9 -3.27 0.29 4.77
CA TYR B 9 -3.94 -0.60 5.70
C TYR B 9 -4.36 0.17 6.94
N PHE B 10 -5.36 -0.35 7.62
CA PHE B 10 -5.87 0.25 8.84
C PHE B 10 -6.64 -0.82 9.62
N VAL A 1 -1.67 -10.38 -5.64
CA VAL A 1 -1.25 -11.72 -5.15
C VAL A 1 -1.22 -11.71 -3.63
N GLY A 2 -1.73 -12.77 -3.01
CA GLY A 2 -1.78 -12.84 -1.57
C GLY A 2 -2.90 -11.97 -1.04
N ILE A 3 -2.64 -10.69 -0.90
CA ILE A 3 -3.64 -9.75 -0.45
C ILE A 3 -4.49 -9.30 -1.64
N GLY A 4 -5.78 -9.16 -1.43
CA GLY A 4 -6.68 -8.76 -2.51
C GLY A 4 -6.55 -7.28 -2.81
N THR A 5 -6.56 -6.48 -1.78
CA THR A 5 -6.45 -5.04 -1.91
C THR A 5 -5.00 -4.61 -2.11
N PRO A 6 -4.75 -3.67 -3.03
CA PRO A 6 -3.39 -3.19 -3.32
C PRO A 6 -2.79 -2.40 -2.16
N ILE A 7 -1.91 -3.05 -1.41
CA ILE A 7 -1.24 -2.42 -0.29
C ILE A 7 -0.18 -1.44 -0.77
N SER A 8 0.00 -0.37 -0.02
CA SER A 8 0.97 0.65 -0.36
C SER A 8 1.47 1.37 0.90
N PHE A 9 2.21 2.46 0.72
CA PHE A 9 2.76 3.21 1.84
C PHE A 9 2.63 4.71 1.61
N TYR A 10 2.95 5.47 2.64
CA TYR A 10 2.92 6.93 2.57
C TYR A 10 3.87 7.52 3.60
N GLY A 11 4.18 8.78 3.42
CA GLY A 11 5.09 9.47 4.33
C GLY A 11 6.45 8.82 4.38
N GLY B 1 -1.22 4.43 -0.19
CA GLY B 1 -1.47 5.43 -1.23
C GLY B 1 -0.46 5.32 -2.35
N GLY B 2 0.79 5.06 -2.00
CA GLY B 2 1.84 4.95 -2.99
C GLY B 2 3.15 4.56 -2.36
N ALA B 3 4.18 5.32 -2.68
CA ALA B 3 5.50 5.09 -2.12
C ALA B 3 5.68 5.93 -0.86
N GLY B 4 6.19 5.32 0.20
CA GLY B 4 6.39 6.05 1.43
C GLY B 4 7.05 5.19 2.50
N HIS B 5 6.61 5.34 3.74
CA HIS B 5 7.18 4.57 4.84
C HIS B 5 6.08 3.90 5.67
N VAL B 6 5.02 4.63 5.97
CA VAL B 6 3.92 4.09 6.75
C VAL B 6 2.95 3.34 5.84
N PRO B 7 2.64 2.08 6.16
CA PRO B 7 1.73 1.26 5.37
C PRO B 7 0.29 1.76 5.39
N GLU B 8 -0.28 1.93 4.21
CA GLU B 8 -1.67 2.38 4.07
C GLU B 8 -2.52 1.26 3.48
N TYR B 9 -2.59 0.15 4.20
CA TYR B 9 -3.37 -0.99 3.75
C TYR B 9 -4.84 -0.77 4.03
N PHE B 10 -5.67 -1.46 3.28
CA PHE B 10 -7.11 -1.38 3.41
C PHE B 10 -7.75 -2.62 2.79
N VAL A 1 2.06 -13.14 -8.94
CA VAL A 1 0.85 -13.47 -8.15
C VAL A 1 1.12 -13.19 -6.67
N GLY A 2 0.07 -12.91 -5.92
CA GLY A 2 0.21 -12.62 -4.52
C GLY A 2 -1.09 -12.17 -3.90
N ILE A 3 -1.01 -11.31 -2.90
CA ILE A 3 -2.20 -10.78 -2.24
C ILE A 3 -2.87 -9.72 -3.11
N GLY A 4 -4.17 -9.90 -3.35
CA GLY A 4 -4.92 -8.95 -4.16
C GLY A 4 -5.45 -7.79 -3.34
N THR A 5 -4.64 -7.33 -2.42
CA THR A 5 -5.01 -6.22 -1.57
C THR A 5 -4.69 -4.88 -2.23
N PRO A 6 -5.67 -3.97 -2.29
CA PRO A 6 -5.51 -2.64 -2.89
C PRO A 6 -4.68 -1.69 -2.02
N ILE A 7 -3.50 -2.14 -1.63
CA ILE A 7 -2.61 -1.34 -0.81
C ILE A 7 -2.05 -0.16 -1.59
N SER A 8 -1.84 0.94 -0.89
CA SER A 8 -1.31 2.14 -1.50
C SER A 8 -0.42 2.88 -0.51
N PHE A 9 -0.13 4.15 -0.78
CA PHE A 9 0.74 4.93 0.09
C PHE A 9 0.15 6.29 0.40
N TYR A 10 0.87 7.05 1.23
CA TYR A 10 0.48 8.39 1.62
C TYR A 10 1.70 9.16 2.10
N GLY A 11 1.59 10.47 2.14
CA GLY A 11 2.69 11.31 2.58
C GLY A 11 3.92 11.13 1.73
N GLY B 1 -3.71 4.98 0.68
CA GLY B 1 -4.79 5.79 0.19
C GLY B 1 -4.61 6.16 -1.26
N GLY B 2 -3.36 6.35 -1.65
CA GLY B 2 -3.05 6.71 -3.01
C GLY B 2 -1.56 6.81 -3.24
N ALA B 3 -1.14 7.88 -3.86
CA ALA B 3 0.27 8.12 -4.11
C ALA B 3 0.91 8.77 -2.89
N GLY B 4 2.08 8.28 -2.50
CA GLY B 4 2.76 8.84 -1.35
C GLY B 4 4.09 8.16 -1.09
N HIS B 5 4.43 7.98 0.18
CA HIS B 5 5.68 7.34 0.54
C HIS B 5 5.47 6.23 1.56
N VAL B 6 4.64 6.49 2.57
CA VAL B 6 4.36 5.49 3.59
C VAL B 6 3.15 4.65 3.19
N PRO B 7 3.29 3.32 3.18
CA PRO B 7 2.21 2.40 2.80
C PRO B 7 1.04 2.44 3.78
N GLU B 8 -0.17 2.41 3.24
CA GLU B 8 -1.38 2.42 4.06
C GLU B 8 -1.72 1.01 4.54
N TYR B 9 -0.75 0.39 5.18
CA TYR B 9 -0.91 -0.97 5.69
C TYR B 9 0.13 -1.24 6.76
N PHE B 10 -0.17 -2.22 7.60
CA PHE B 10 0.70 -2.62 8.68
C PHE B 10 0.31 -4.03 9.12
N VAL A 1 -1.25 -3.13 -3.47
CA VAL A 1 -1.83 -1.87 -3.99
C VAL A 1 -3.06 -2.16 -4.86
N GLY A 2 -3.96 -2.98 -4.34
CA GLY A 2 -5.16 -3.33 -5.07
C GLY A 2 -4.90 -4.39 -6.13
N ILE A 3 -4.07 -4.04 -7.10
CA ILE A 3 -3.71 -4.96 -8.16
C ILE A 3 -2.66 -5.96 -7.67
N GLY A 4 -2.99 -7.24 -7.73
CA GLY A 4 -2.08 -8.28 -7.29
C GLY A 4 -1.97 -8.37 -5.79
N THR A 5 -1.49 -7.30 -5.18
CA THR A 5 -1.35 -7.24 -3.74
C THR A 5 -2.51 -6.48 -3.13
N PRO A 6 -3.28 -7.11 -2.23
CA PRO A 6 -4.44 -6.49 -1.58
C PRO A 6 -4.04 -5.27 -0.73
N ILE A 7 -3.04 -5.46 0.12
CA ILE A 7 -2.56 -4.40 1.00
C ILE A 7 -1.91 -3.27 0.21
N SER A 8 -2.13 -2.06 0.67
CA SER A 8 -1.60 -0.87 0.03
C SER A 8 -0.33 -0.38 0.75
N PHE A 9 0.17 0.79 0.37
CA PHE A 9 1.37 1.36 0.96
C PHE A 9 1.20 2.85 1.18
N TYR A 10 2.22 3.45 1.81
CA TYR A 10 2.23 4.88 2.09
C TYR A 10 3.65 5.33 2.37
N GLY A 11 3.85 6.64 2.34
CA GLY A 11 5.17 7.20 2.58
C GLY A 11 6.21 6.70 1.61
N GLY B 1 -2.46 3.11 1.91
CA GLY B 1 -3.52 3.77 1.18
C GLY B 1 -3.38 3.59 -0.32
N GLY B 2 -2.16 3.65 -0.82
CA GLY B 2 -1.92 3.50 -2.23
C GLY B 2 -0.45 3.27 -2.52
N ALA B 3 0.08 4.06 -3.43
CA ALA B 3 1.48 3.97 -3.77
C ALA B 3 2.33 4.58 -2.66
N GLY B 4 3.41 3.91 -2.28
CA GLY B 4 4.26 4.43 -1.24
C GLY B 4 5.45 3.52 -0.98
N HIS B 5 5.82 3.38 0.28
CA HIS B 5 6.96 2.53 0.65
C HIS B 5 6.61 1.62 1.81
N VAL B 6 5.94 2.17 2.82
CA VAL B 6 5.56 1.40 3.99
C VAL B 6 4.16 0.83 3.79
N PRO B 7 3.98 -0.48 3.96
CA PRO B 7 2.69 -1.15 3.79
C PRO B 7 1.65 -0.67 4.80
N GLU B 8 0.41 -0.53 4.33
CA GLU B 8 -0.70 -0.09 5.15
C GLU B 8 -1.23 -1.24 6.00
N TYR B 9 -0.37 -1.74 6.86
CA TYR B 9 -0.71 -2.85 7.74
C TYR B 9 -1.53 -2.36 8.94
N PHE B 10 -2.36 -3.25 9.46
CA PHE B 10 -3.20 -2.94 10.60
C PHE B 10 -3.64 -4.24 11.25
#